data_7SDH
#
_entry.id   7SDH
#
_cell.length_a   105.857
_cell.length_b   105.857
_cell.length_c   93.859
_cell.angle_alpha   90.000
_cell.angle_beta   90.000
_cell.angle_gamma   120.000
#
_symmetry.space_group_name_H-M   'H 3'
#
loop_
_entity.id
_entity.type
_entity.pdbx_description
1 polymer "DNA (5'-D(*GP*AP*GP*CP*AP*GP*CP*CP*TP*GP*TP*(IMC)P*TP*GP*GP*AP*CP*AP*TP*CP*A)-3')"
2 polymer "DNA (5'-D(P*CP*CP*AP*(IMC)P*AP*CP*A)-3')"
3 polymer "DNA (5'-D(P*GP*GP*CP*TP*GP*CP*T)-3')"
4 polymer "DNA (5'-D(P*CP*TP*GP*AP*TP*GP*T)-3')"
5 non-polymer 'SILVER ION'
#
loop_
_entity_poly.entity_id
_entity_poly.type
_entity_poly.pdbx_seq_one_letter_code
_entity_poly.pdbx_strand_id
1 'polydeoxyribonucleotide'
;(DG)(DA)(DG)(DC)(DA)(DG)(DC)(DC)(DT)(DG)(DT)(IMC)(DT)(DG)(DG)(DA)(DC)(DA)(DT)
(DC)(DA)
;
A
2 'polydeoxyribonucleotide' (DC)(DC)(DA)(IMC)(DA)(DC)(DA) B
3 'polydeoxyribonucleotide' (DG)(DG)(DC)(DT)(DG)(DC)(DT) C
4 'polydeoxyribonucleotide' (DC)(DT)(DG)(DA)(DT)(DG)(DT) D
#